data_3TKL
#
_entry.id   3TKL
#
_cell.length_a   128.823
_cell.length_b   49.709
_cell.length_c   61.702
_cell.angle_alpha   90.00
_cell.angle_beta   99.27
_cell.angle_gamma   90.00
#
_symmetry.space_group_name_H-M   'C 1 2 1'
#
loop_
_entity.id
_entity.type
_entity.pdbx_description
1 polymer 'Ras-related protein Rab-1A'
2 polymer 'LidA protein, substrate of the Dot/Icm system'
3 non-polymer 'MAGNESIUM ION'
4 non-polymer "GUANOSINE-5'-TRIPHOSPHATE"
5 water water
#
loop_
_entity_poly.entity_id
_entity_poly.type
_entity_poly.pdbx_seq_one_letter_code
_entity_poly.pdbx_strand_id
1 'polypeptide(L)'
;GPLGSMSSMNPEYDYLFKLLLIGDSGVGKSCLLLRFADDTYTESYISTIGVDFKIRTIELDGKTIKLQIWDTAGQERFRT
ITSSYYRGAHGIIVVYDVTDQESFNNVKQWLQEIDRYASENVNKLLVGNKCDLTTKKVVDYTTAKEFADSLGIPFLETSA
KNATNVEQSFMTMAAEIKKRMGPGATAGGAEKSNVK
;
A
2 'polypeptide(L)'
;GPLGSTSSTSQADKEIQKMLDEYEQAIKRAQENIKKGEELEKKLDKLERQGKDLEDKYKTYEENLEGFEKLLTDSEELSL
SEINEKMKAFSKDSEKLTQLMEKHKGDEKTVQSLQREHHDIKAKLANLQVLHDAHTGKKSYVNEKGNPVSSLKDAHLAIN
KDQEVVEHKGQFYLLQKGQWDAIKNDPAALEKAQKDYSQSKHDLATIKMEALIHKLSLEMEKQLETINDLIMSTDPKENE
EATKLLHKHNGLNLKLANLQDMLAVHR
;
B
#
loop_
_chem_comp.id
_chem_comp.type
_chem_comp.name
_chem_comp.formula
GTP non-polymer GUANOSINE-5'-TRIPHOSPHATE 'C10 H16 N5 O14 P3'
MG non-polymer 'MAGNESIUM ION' 'Mg 2'
#
# COMPACT_ATOMS: atom_id res chain seq x y z
N PRO A 11 -15.71 1.31 -29.25
CA PRO A 11 -15.33 1.37 -27.84
C PRO A 11 -15.50 2.80 -27.30
N GLU A 12 -16.62 3.42 -27.68
CA GLU A 12 -17.03 4.70 -27.13
C GLU A 12 -17.74 4.41 -25.82
N TYR A 13 -17.88 5.43 -24.97
CA TYR A 13 -18.58 5.27 -23.69
C TYR A 13 -19.04 6.62 -23.14
N ASP A 14 -20.03 6.59 -22.24
CA ASP A 14 -20.57 7.79 -21.63
C ASP A 14 -20.02 8.01 -20.23
N TYR A 15 -19.51 6.95 -19.62
CA TYR A 15 -18.93 7.02 -18.28
C TYR A 15 -17.73 6.10 -18.23
N LEU A 16 -16.83 6.40 -17.30
CA LEU A 16 -15.62 5.63 -17.14
C LEU A 16 -15.30 5.51 -15.65
N PHE A 17 -15.47 4.33 -15.08
CA PHE A 17 -15.34 4.19 -13.63
C PHE A 17 -14.20 3.26 -13.29
N LYS A 18 -13.40 3.67 -12.31
CA LYS A 18 -12.36 2.80 -11.78
C LYS A 18 -12.88 2.10 -10.54
N LEU A 19 -12.88 0.77 -10.59
CA LEU A 19 -13.29 -0.04 -9.45
C LEU A 19 -12.13 -0.85 -8.89
N LEU A 20 -12.13 -1.04 -7.57
CA LEU A 20 -11.21 -1.98 -6.90
C LEU A 20 -11.98 -3.10 -6.25
N LEU A 21 -11.40 -4.31 -6.27
CA LEU A 21 -11.85 -5.39 -5.42
C LEU A 21 -10.85 -5.54 -4.30
N ILE A 22 -11.32 -5.60 -3.06
CA ILE A 22 -10.41 -5.85 -1.94
C ILE A 22 -11.08 -6.82 -1.00
N GLY A 23 -10.29 -7.43 -0.11
CA GLY A 23 -10.78 -8.36 0.88
C GLY A 23 -9.79 -9.51 1.06
N ASP A 24 -10.09 -10.41 2.00
CA ASP A 24 -9.12 -11.41 2.44
C ASP A 24 -8.68 -12.32 1.29
N SER A 25 -7.55 -12.98 1.51
CA SER A 25 -7.03 -13.89 0.51
C SER A 25 -7.96 -15.07 0.38
N GLY A 26 -8.29 -15.48 -0.84
CA GLY A 26 -9.10 -16.67 -1.04
C GLY A 26 -10.62 -16.50 -1.03
N VAL A 27 -11.12 -15.27 -0.86
CA VAL A 27 -12.57 -15.05 -0.81
C VAL A 27 -13.23 -15.08 -2.19
N GLY A 28 -12.45 -14.87 -3.24
CA GLY A 28 -12.96 -14.95 -4.59
C GLY A 28 -12.94 -13.67 -5.39
N LYS A 29 -12.13 -12.69 -4.97
CA LYS A 29 -11.99 -11.46 -5.75
C LYS A 29 -11.65 -11.74 -7.23
N SER A 30 -10.63 -12.56 -7.47
CA SER A 30 -10.18 -12.80 -8.84
C SER A 30 -11.25 -13.54 -9.64
N CYS A 31 -11.96 -14.44 -8.96
CA CYS A 31 -12.97 -15.22 -9.62
C CYS A 31 -14.16 -14.33 -9.95
N LEU A 32 -14.47 -13.35 -9.10
CA LEU A 32 -15.53 -12.39 -9.43
C LEU A 32 -15.12 -11.57 -10.65
N LEU A 33 -13.89 -11.06 -10.61
CA LEU A 33 -13.33 -10.39 -11.76
C LEU A 33 -13.45 -11.23 -13.05
N LEU A 34 -13.00 -12.49 -13.00
CA LEU A 34 -12.96 -13.31 -14.20
C LEU A 34 -14.35 -13.72 -14.67
N ARG A 35 -15.27 -13.87 -13.73
CA ARG A 35 -16.62 -14.22 -14.12
C ARG A 35 -17.23 -13.04 -14.86
N PHE A 36 -17.11 -11.85 -14.27
CA PHE A 36 -17.72 -10.63 -14.83
C PHE A 36 -17.10 -10.22 -16.18
N ALA A 37 -15.76 -10.26 -16.26
CA ALA A 37 -15.06 -9.73 -17.42
C ALA A 37 -14.84 -10.73 -18.55
N ASP A 38 -14.75 -12.02 -18.23
CA ASP A 38 -14.41 -13.01 -19.24
C ASP A 38 -15.46 -14.09 -19.34
N ASP A 39 -16.46 -14.02 -18.48
CA ASP A 39 -17.44 -15.08 -18.37
C ASP A 39 -16.78 -16.45 -18.26
N THR A 40 -15.81 -16.55 -17.35
CA THR A 40 -15.12 -17.81 -17.10
C THR A 40 -15.00 -18.07 -15.60
N TYR A 41 -14.81 -19.34 -15.25
CA TYR A 41 -14.53 -19.76 -13.89
C TYR A 41 -13.62 -20.97 -13.93
N THR A 42 -12.65 -21.00 -13.02
CA THR A 42 -11.80 -22.16 -12.81
C THR A 42 -11.54 -22.36 -11.30
N GLU A 43 -11.35 -23.60 -10.87
CA GLU A 43 -11.02 -23.91 -9.49
C GLU A 43 -9.51 -23.85 -9.23
N SER A 44 -8.71 -23.84 -10.29
CA SER A 44 -7.27 -23.76 -10.08
C SER A 44 -6.98 -22.39 -9.47
N TYR A 45 -6.06 -22.35 -8.52
CA TYR A 45 -5.84 -21.12 -7.79
C TYR A 45 -4.37 -20.74 -7.79
N ILE A 46 -4.11 -19.45 -8.01
CA ILE A 46 -2.83 -18.86 -7.67
C ILE A 46 -3.14 -17.55 -6.95
N SER A 47 -2.47 -17.31 -5.82
CA SER A 47 -2.66 -16.06 -5.11
C SER A 47 -2.24 -14.90 -5.99
N THR A 48 -3.10 -13.89 -6.03
CA THR A 48 -2.78 -12.67 -6.74
C THR A 48 -1.57 -12.00 -6.12
N ILE A 49 -0.57 -11.75 -6.96
CA ILE A 49 0.74 -11.26 -6.53
C ILE A 49 0.73 -9.76 -6.27
N GLY A 50 0.08 -9.02 -7.15
CA GLY A 50 -0.01 -7.58 -6.95
C GLY A 50 -1.38 -7.07 -7.28
N VAL A 51 -1.67 -6.96 -8.58
CA VAL A 51 -2.99 -6.62 -9.06
C VAL A 51 -3.22 -7.30 -10.40
N ASP A 52 -4.48 -7.53 -10.72
CA ASP A 52 -4.88 -7.84 -12.08
C ASP A 52 -5.81 -6.73 -12.53
N PHE A 53 -6.00 -6.61 -13.82
CA PHE A 53 -6.76 -5.50 -14.37
C PHE A 53 -7.54 -6.00 -15.59
N LYS A 54 -8.86 -5.82 -15.54
CA LYS A 54 -9.75 -6.13 -16.66
C LYS A 54 -10.60 -4.92 -17.00
N ILE A 55 -10.98 -4.82 -18.27
CA ILE A 55 -11.89 -3.77 -18.70
C ILE A 55 -13.15 -4.41 -19.21
N ARG A 56 -14.29 -3.82 -18.87
CA ARG A 56 -15.54 -4.29 -19.41
C ARG A 56 -16.55 -3.17 -19.46
N THR A 57 -17.35 -3.18 -20.52
CA THR A 57 -18.39 -2.18 -20.71
C THR A 57 -19.74 -2.80 -20.40
N ILE A 58 -20.59 -2.05 -19.72
CA ILE A 58 -21.97 -2.44 -19.49
C ILE A 58 -22.88 -1.33 -20.01
N GLU A 59 -24.18 -1.53 -19.91
CA GLU A 59 -25.15 -0.56 -20.36
C GLU A 59 -26.15 -0.33 -19.25
N LEU A 60 -26.27 0.91 -18.79
CA LEU A 60 -27.08 1.22 -17.63
C LEU A 60 -27.92 2.47 -17.89
N ASP A 61 -29.24 2.34 -17.79
CA ASP A 61 -30.13 3.47 -18.07
C ASP A 61 -29.84 4.08 -19.44
N GLY A 62 -29.58 3.23 -20.43
CA GLY A 62 -29.27 3.69 -21.78
C GLY A 62 -27.89 4.29 -21.98
N LYS A 63 -27.05 4.25 -20.94
CA LYS A 63 -25.71 4.83 -21.02
C LYS A 63 -24.62 3.74 -21.08
N THR A 64 -23.57 3.97 -21.85
CA THR A 64 -22.48 3.00 -21.93
C THR A 64 -21.42 3.31 -20.87
N ILE A 65 -21.22 2.36 -19.97
CA ILE A 65 -20.25 2.55 -18.89
C ILE A 65 -19.07 1.62 -19.06
N LYS A 66 -17.91 2.20 -19.33
CA LYS A 66 -16.67 1.45 -19.34
C LYS A 66 -16.12 1.34 -17.91
N LEU A 67 -15.91 0.11 -17.45
CA LEU A 67 -15.45 -0.15 -16.10
C LEU A 67 -14.01 -0.61 -16.13
N GLN A 68 -13.15 0.04 -15.34
CA GLN A 68 -11.79 -0.44 -15.17
C GLN A 68 -11.70 -1.14 -13.84
N ILE A 69 -11.50 -2.44 -13.87
CA ILE A 69 -11.58 -3.21 -12.65
C ILE A 69 -10.22 -3.76 -12.20
N TRP A 70 -9.79 -3.28 -11.05
CA TRP A 70 -8.54 -3.72 -10.43
C TRP A 70 -8.79 -4.70 -9.32
N ASP A 71 -8.11 -5.82 -9.41
CA ASP A 71 -8.26 -6.91 -8.49
C ASP A 71 -6.95 -6.99 -7.69
N THR A 72 -7.05 -6.76 -6.40
CA THR A 72 -5.87 -6.62 -5.58
C THR A 72 -5.56 -7.90 -4.81
N ALA A 73 -4.33 -8.01 -4.35
CA ALA A 73 -3.90 -9.11 -3.50
C ALA A 73 -4.53 -9.03 -2.12
N GLY A 74 -5.04 -10.15 -1.62
CA GLY A 74 -5.52 -10.24 -0.25
C GLY A 74 -4.38 -10.38 0.76
N GLN A 75 -3.28 -11.00 0.35
CA GLN A 75 -2.17 -11.22 1.28
C GLN A 75 -1.39 -9.95 1.62
N GLU A 76 -1.33 -9.68 2.91
CA GLU A 76 -0.67 -8.49 3.43
C GLU A 76 0.74 -8.30 2.86
N ARG A 77 1.49 -9.39 2.69
CA ARG A 77 2.87 -9.25 2.21
C ARG A 77 2.92 -8.67 0.81
N PHE A 78 1.80 -8.70 0.08
CA PHE A 78 1.78 -8.11 -1.26
C PHE A 78 1.04 -6.77 -1.33
N ARG A 79 0.75 -6.17 -0.18
CA ARG A 79 -0.01 -4.93 -0.17
C ARG A 79 0.87 -3.71 0.09
N THR A 80 2.05 -3.72 -0.52
CA THR A 80 2.98 -2.61 -0.39
C THR A 80 2.48 -1.27 -0.99
N ILE A 81 2.02 -1.27 -2.25
CA ILE A 81 1.59 0.00 -2.87
C ILE A 81 0.07 0.23 -2.99
N THR A 82 -0.66 -0.16 -1.95
CA THR A 82 -2.12 -0.06 -2.00
C THR A 82 -2.62 1.37 -2.19
N SER A 83 -1.96 2.35 -1.58
CA SER A 83 -2.40 3.76 -1.69
C SER A 83 -2.48 4.15 -3.15
N SER A 84 -1.56 3.59 -3.93
CA SER A 84 -1.49 3.84 -5.35
C SER A 84 -2.66 3.23 -6.13
N TYR A 85 -3.18 2.09 -5.66
CA TYR A 85 -4.30 1.47 -6.34
C TYR A 85 -5.59 2.26 -6.15
N TYR A 86 -5.70 2.92 -5.00
CA TYR A 86 -6.89 3.70 -4.68
C TYR A 86 -7.00 5.02 -5.42
N ARG A 87 -5.89 5.49 -5.97
CA ARG A 87 -5.91 6.77 -6.67
C ARG A 87 -6.93 6.73 -7.77
N GLY A 88 -7.88 7.65 -7.72
CA GLY A 88 -8.85 7.81 -8.79
C GLY A 88 -9.95 6.77 -8.77
N ALA A 89 -9.97 5.91 -7.76
CA ALA A 89 -11.06 4.94 -7.62
C ALA A 89 -12.40 5.61 -7.34
N HIS A 90 -13.42 5.22 -8.10
CA HIS A 90 -14.79 5.72 -7.94
C HIS A 90 -15.57 4.82 -7.00
N GLY A 91 -15.26 3.52 -7.04
CA GLY A 91 -15.98 2.56 -6.24
C GLY A 91 -15.10 1.45 -5.74
N ILE A 92 -15.38 0.97 -4.54
CA ILE A 92 -14.65 -0.15 -3.97
C ILE A 92 -15.59 -1.25 -3.61
N ILE A 93 -15.26 -2.46 -4.01
CA ILE A 93 -16.08 -3.60 -3.66
C ILE A 93 -15.34 -4.41 -2.62
N VAL A 94 -15.91 -4.51 -1.42
CA VAL A 94 -15.33 -5.34 -0.39
C VAL A 94 -15.93 -6.73 -0.39
N VAL A 95 -15.10 -7.73 -0.58
CA VAL A 95 -15.57 -9.10 -0.70
C VAL A 95 -15.17 -9.94 0.51
N TYR A 96 -16.16 -10.65 1.07
CA TYR A 96 -15.87 -11.74 2.00
C TYR A 96 -16.48 -13.05 1.49
N ASP A 97 -15.98 -14.13 2.06
CA ASP A 97 -16.40 -15.49 1.78
C ASP A 97 -17.52 -15.82 2.78
N VAL A 98 -18.69 -16.21 2.30
CA VAL A 98 -19.79 -16.48 3.23
C VAL A 98 -19.56 -17.76 4.03
N THR A 99 -18.60 -18.58 3.63
CA THR A 99 -18.30 -19.79 4.38
C THR A 99 -17.15 -19.56 5.36
N ASP A 100 -16.65 -18.33 5.42
CA ASP A 100 -15.53 -18.04 6.29
C ASP A 100 -15.73 -16.80 7.18
N GLN A 101 -15.87 -17.07 8.47
CA GLN A 101 -16.18 -16.07 9.47
C GLN A 101 -15.08 -15.00 9.60
N GLU A 102 -13.83 -15.42 9.63
CA GLU A 102 -12.72 -14.46 9.75
C GLU A 102 -12.73 -13.43 8.61
N SER A 103 -13.01 -13.88 7.40
CA SER A 103 -13.01 -12.96 6.25
C SER A 103 -14.10 -11.89 6.44
N PHE A 104 -15.23 -12.28 7.02
CA PHE A 104 -16.29 -11.33 7.34
C PHE A 104 -15.90 -10.39 8.49
N ASN A 105 -15.27 -10.95 9.52
CA ASN A 105 -14.81 -10.15 10.66
C ASN A 105 -13.83 -9.08 10.21
N ASN A 106 -13.04 -9.39 9.18
CA ASN A 106 -12.04 -8.46 8.67
C ASN A 106 -12.62 -7.33 7.80
N VAL A 107 -13.87 -7.46 7.39
CA VAL A 107 -14.52 -6.40 6.60
C VAL A 107 -14.42 -5.02 7.27
N LYS A 108 -14.42 -5.01 8.60
CA LYS A 108 -14.30 -3.76 9.34
C LYS A 108 -12.96 -3.09 9.05
N GLN A 109 -11.90 -3.88 9.04
CA GLN A 109 -10.56 -3.38 8.78
C GLN A 109 -10.38 -2.98 7.32
N TRP A 110 -10.93 -3.79 6.40
CA TRP A 110 -10.95 -3.40 4.99
C TRP A 110 -11.63 -2.03 4.78
N LEU A 111 -12.75 -1.81 5.45
CA LEU A 111 -13.47 -0.52 5.35
C LEU A 111 -12.65 0.64 5.89
N GLN A 112 -11.87 0.37 6.93
CA GLN A 112 -10.98 1.38 7.47
C GLN A 112 -9.81 1.64 6.51
N GLU A 113 -9.38 0.62 5.76
CA GLU A 113 -8.42 0.89 4.68
C GLU A 113 -9.03 1.84 3.60
N ILE A 114 -10.31 1.68 3.29
CA ILE A 114 -10.96 2.59 2.33
C ILE A 114 -10.92 4.02 2.86
N ASP A 115 -11.41 4.20 4.08
CA ASP A 115 -11.32 5.51 4.75
C ASP A 115 -9.91 6.13 4.65
N ARG A 116 -8.90 5.30 4.82
CA ARG A 116 -7.53 5.80 4.86
C ARG A 116 -7.01 6.23 3.49
N TYR A 117 -7.28 5.46 2.44
CA TYR A 117 -6.64 5.68 1.14
C TYR A 117 -7.55 6.24 0.04
N ALA A 118 -8.85 6.08 0.15
CA ALA A 118 -9.76 6.44 -0.94
C ALA A 118 -10.22 7.89 -0.88
N SER A 119 -10.79 8.37 -1.98
CA SER A 119 -11.47 9.66 -1.98
C SER A 119 -12.57 9.67 -0.94
N GLU A 120 -12.80 10.83 -0.35
CA GLU A 120 -13.83 11.01 0.67
C GLU A 120 -15.23 10.52 0.23
N ASN A 121 -15.57 10.75 -1.04
CA ASN A 121 -16.90 10.41 -1.53
C ASN A 121 -16.99 9.07 -2.25
N VAL A 122 -15.95 8.24 -2.14
CA VAL A 122 -15.91 6.96 -2.86
C VAL A 122 -17.15 6.11 -2.53
N ASN A 123 -17.67 5.41 -3.54
CA ASN A 123 -18.76 4.48 -3.29
C ASN A 123 -18.29 3.13 -2.82
N LYS A 124 -19.11 2.46 -2.05
CA LYS A 124 -18.71 1.16 -1.50
C LYS A 124 -19.79 0.11 -1.74
N LEU A 125 -19.38 -1.15 -1.86
CA LEU A 125 -20.33 -2.24 -2.01
C LEU A 125 -19.79 -3.47 -1.30
N LEU A 126 -20.66 -4.10 -0.51
CA LEU A 126 -20.29 -5.31 0.20
C LEU A 126 -20.78 -6.52 -0.59
N VAL A 127 -19.89 -7.45 -0.87
CA VAL A 127 -20.25 -8.67 -1.56
C VAL A 127 -19.86 -9.86 -0.69
N GLY A 128 -20.83 -10.74 -0.43
CA GLY A 128 -20.57 -12.02 0.21
C GLY A 128 -20.52 -13.14 -0.86
N ASN A 129 -19.31 -13.63 -1.13
CA ASN A 129 -19.14 -14.55 -2.23
C ASN A 129 -19.27 -16.05 -1.83
N LYS A 130 -19.45 -16.91 -2.82
CA LYS A 130 -19.56 -18.37 -2.63
C LYS A 130 -20.92 -18.76 -2.05
N CYS A 131 -21.96 -18.03 -2.45
CA CYS A 131 -23.29 -18.29 -1.93
C CYS A 131 -23.85 -19.60 -2.47
N ASP A 132 -23.20 -20.16 -3.50
CA ASP A 132 -23.58 -21.50 -3.98
C ASP A 132 -23.32 -22.58 -2.92
N LEU A 133 -22.48 -22.27 -1.93
CA LEU A 133 -22.10 -23.27 -0.91
C LEU A 133 -23.11 -23.25 0.23
N THR A 134 -24.35 -23.57 -0.10
CA THR A 134 -25.49 -23.35 0.81
C THR A 134 -25.36 -23.98 2.21
N THR A 135 -24.79 -25.18 2.29
CA THR A 135 -24.63 -25.84 3.58
C THR A 135 -23.34 -25.44 4.28
N LYS A 136 -22.47 -24.68 3.60
CA LYS A 136 -21.19 -24.30 4.22
C LYS A 136 -21.21 -22.88 4.77
N LYS A 137 -22.26 -22.15 4.43
CA LYS A 137 -22.42 -20.77 4.80
C LYS A 137 -22.48 -20.64 6.31
N VAL A 138 -21.58 -19.82 6.86
CA VAL A 138 -21.53 -19.57 8.30
C VAL A 138 -21.89 -18.10 8.62
N VAL A 139 -21.79 -17.22 7.64
CA VAL A 139 -22.17 -15.83 7.82
C VAL A 139 -23.61 -15.59 7.35
N ASP A 140 -24.50 -15.34 8.30
CA ASP A 140 -25.92 -15.17 8.01
C ASP A 140 -26.15 -13.93 7.16
N TYR A 141 -27.03 -14.05 6.17
CA TYR A 141 -27.40 -12.93 5.31
C TYR A 141 -27.87 -11.69 6.08
N THR A 142 -28.69 -11.89 7.11
CA THR A 142 -29.24 -10.77 7.85
C THR A 142 -28.15 -10.06 8.68
N THR A 143 -27.25 -10.82 9.29
CA THR A 143 -26.16 -10.18 10.02
C THR A 143 -25.26 -9.39 9.08
N ALA A 144 -25.03 -9.93 7.88
CA ALA A 144 -24.23 -9.21 6.89
C ALA A 144 -24.95 -7.95 6.45
N LYS A 145 -26.22 -8.10 6.14
CA LYS A 145 -26.99 -7.01 5.57
C LYS A 145 -27.25 -5.92 6.62
N GLU A 146 -27.34 -6.30 7.88
CA GLU A 146 -27.51 -5.35 8.97
C GLU A 146 -26.29 -4.48 9.02
N PHE A 147 -25.13 -5.11 8.86
CA PHE A 147 -23.87 -4.38 8.84
C PHE A 147 -23.82 -3.41 7.67
N ALA A 148 -24.10 -3.93 6.48
CA ALA A 148 -24.05 -3.11 5.29
C ALA A 148 -24.94 -1.90 5.54
N ASP A 149 -26.21 -2.15 5.87
CA ASP A 149 -27.22 -1.13 6.15
C ASP A 149 -26.82 -0.10 7.21
N SER A 150 -26.09 -0.56 8.22
CA SER A 150 -25.64 0.31 9.30
C SER A 150 -24.69 1.39 8.78
N LEU A 151 -24.22 1.22 7.55
CA LEU A 151 -23.23 2.14 6.99
C LEU A 151 -23.69 2.69 5.64
N GLY A 152 -24.95 2.43 5.28
CA GLY A 152 -25.47 2.82 3.98
C GLY A 152 -24.82 2.13 2.77
N ILE A 153 -24.16 1.00 3.01
CA ILE A 153 -23.50 0.27 1.93
C ILE A 153 -24.47 -0.74 1.34
N PRO A 154 -24.64 -0.73 0.00
CA PRO A 154 -25.44 -1.78 -0.66
C PRO A 154 -24.76 -3.14 -0.47
N PHE A 155 -25.51 -4.23 -0.51
CA PHE A 155 -24.96 -5.55 -0.21
C PHE A 155 -25.60 -6.64 -1.09
N LEU A 156 -24.79 -7.58 -1.57
CA LEU A 156 -25.30 -8.72 -2.32
C LEU A 156 -24.48 -9.96 -1.99
N GLU A 157 -25.08 -11.13 -2.17
CA GLU A 157 -24.38 -12.38 -2.06
C GLU A 157 -24.22 -12.90 -3.47
N THR A 158 -23.04 -13.43 -3.79
CA THR A 158 -22.76 -13.82 -5.16
C THR A 158 -22.17 -15.21 -5.21
N SER A 159 -22.17 -15.75 -6.42
CA SER A 159 -21.41 -16.95 -6.75
C SER A 159 -20.69 -16.71 -8.08
N ALA A 160 -19.40 -16.46 -8.00
CA ALA A 160 -18.55 -16.46 -9.19
C ALA A 160 -18.66 -17.78 -9.93
N LYS A 161 -18.73 -18.87 -9.18
CA LYS A 161 -18.83 -20.20 -9.77
C LYS A 161 -20.09 -20.40 -10.62
N ASN A 162 -21.27 -20.07 -10.08
CA ASN A 162 -22.53 -20.22 -10.84
C ASN A 162 -23.02 -18.94 -11.49
N ALA A 163 -22.26 -17.85 -11.31
CA ALA A 163 -22.54 -16.53 -11.92
C ALA A 163 -23.63 -15.70 -11.22
N THR A 164 -24.26 -16.28 -10.19
CA THR A 164 -25.33 -15.62 -9.43
C THR A 164 -24.99 -14.22 -8.89
N ASN A 165 -25.77 -13.21 -9.29
CA ASN A 165 -25.59 -11.85 -8.81
C ASN A 165 -24.28 -11.17 -9.21
N VAL A 166 -23.46 -11.80 -10.04
CA VAL A 166 -22.18 -11.18 -10.42
C VAL A 166 -22.37 -9.92 -11.29
N GLU A 167 -23.15 -10.06 -12.36
CA GLU A 167 -23.49 -8.96 -13.23
C GLU A 167 -24.20 -7.87 -12.41
N GLN A 168 -25.16 -8.29 -11.59
CA GLN A 168 -25.91 -7.35 -10.77
C GLN A 168 -25.01 -6.55 -9.82
N SER A 169 -23.97 -7.17 -9.29
CA SER A 169 -23.10 -6.48 -8.34
C SER A 169 -22.42 -5.28 -8.98
N PHE A 170 -21.81 -5.48 -10.13
CA PHE A 170 -21.11 -4.41 -10.82
C PHE A 170 -22.08 -3.34 -11.30
N MET A 171 -23.26 -3.77 -11.76
CA MET A 171 -24.33 -2.84 -12.12
C MET A 171 -24.81 -2.00 -10.92
N THR A 172 -24.89 -2.62 -9.75
CA THR A 172 -25.27 -1.88 -8.56
C THR A 172 -24.18 -0.86 -8.19
N MET A 173 -22.92 -1.28 -8.29
CA MET A 173 -21.82 -0.34 -8.05
C MET A 173 -21.87 0.82 -9.08
N ALA A 174 -21.89 0.48 -10.36
CA ALA A 174 -21.98 1.49 -11.39
C ALA A 174 -23.17 2.45 -11.17
N ALA A 175 -24.32 1.93 -10.75
CA ALA A 175 -25.50 2.77 -10.44
C ALA A 175 -25.27 3.75 -9.26
N GLU A 176 -24.63 3.30 -8.19
CA GLU A 176 -24.27 4.19 -7.09
C GLU A 176 -23.40 5.34 -7.54
N ILE A 177 -22.39 5.04 -8.36
CA ILE A 177 -21.45 6.06 -8.80
C ILE A 177 -22.13 7.00 -9.80
N LYS A 178 -22.92 6.43 -10.70
CA LYS A 178 -23.55 7.26 -11.74
C LYS A 178 -24.44 8.33 -11.10
N LYS A 179 -25.17 7.97 -10.06
CA LYS A 179 -26.07 8.94 -9.47
C LYS A 179 -25.37 10.00 -8.62
N ARG A 180 -24.15 9.74 -8.15
CA ARG A 180 -23.44 10.81 -7.45
C ARG A 180 -22.72 11.78 -8.42
N MET A 181 -22.65 11.42 -9.70
CA MET A 181 -22.22 12.36 -10.74
C MET A 181 -23.34 13.28 -11.25
N SER B 75 22.00 -0.01 -7.81
CA SER B 75 20.85 0.75 -7.32
C SER B 75 21.10 2.25 -7.36
N GLU B 76 20.38 2.95 -8.23
CA GLU B 76 20.40 4.39 -8.25
C GLU B 76 19.75 4.89 -6.95
N GLU B 77 20.29 5.95 -6.38
CA GLU B 77 19.71 6.53 -5.18
C GLU B 77 18.36 7.14 -5.54
N LEU B 78 17.53 7.37 -4.54
CA LEU B 78 16.38 8.25 -4.71
C LEU B 78 16.88 9.66 -5.04
N SER B 79 16.30 10.25 -6.08
CA SER B 79 16.57 11.65 -6.40
C SER B 79 15.82 12.52 -5.43
N LEU B 80 16.17 13.80 -5.36
CA LEU B 80 15.47 14.72 -4.47
C LEU B 80 13.96 14.83 -4.76
N SER B 81 13.58 14.72 -6.03
CA SER B 81 12.17 14.78 -6.40
C SER B 81 11.40 13.58 -5.87
N GLU B 82 12.05 12.42 -5.93
CA GLU B 82 11.48 11.19 -5.37
C GLU B 82 11.36 11.27 -3.84
N ILE B 83 12.42 11.71 -3.18
CA ILE B 83 12.36 11.96 -1.73
C ILE B 83 11.19 12.91 -1.38
N ASN B 84 11.05 14.02 -2.09
CA ASN B 84 9.98 14.99 -1.80
C ASN B 84 8.59 14.41 -2.02
N GLU B 85 8.43 13.65 -3.10
CA GLU B 85 7.15 13.04 -3.41
C GLU B 85 6.74 12.02 -2.34
N LYS B 86 7.71 11.25 -1.87
CA LYS B 86 7.41 10.29 -0.81
C LYS B 86 7.08 10.99 0.50
N MET B 87 7.90 11.96 0.90
CA MET B 87 7.66 12.66 2.16
C MET B 87 6.27 13.29 2.14
N LYS B 88 5.89 13.86 1.00
CA LYS B 88 4.56 14.45 0.85
C LYS B 88 3.43 13.43 1.04
N ALA B 89 3.53 12.29 0.37
CA ALA B 89 2.54 11.22 0.56
C ALA B 89 2.51 10.74 2.03
N PHE B 90 3.68 10.59 2.65
CA PHE B 90 3.69 10.12 4.04
C PHE B 90 3.07 11.13 4.99
N SER B 91 3.26 12.42 4.73
CA SER B 91 2.70 13.44 5.63
C SER B 91 1.20 13.47 5.49
N LYS B 92 0.75 13.33 4.26
CA LYS B 92 -0.68 13.30 3.98
C LYS B 92 -1.33 12.10 4.66
N ASP B 93 -0.70 10.94 4.52
CA ASP B 93 -1.18 9.71 5.15
C ASP B 93 -1.17 9.85 6.68
N SER B 94 -0.10 10.45 7.21
CA SER B 94 -0.02 10.69 8.64
C SER B 94 -1.19 11.55 9.14
N GLU B 95 -1.48 12.62 8.42
CA GLU B 95 -2.59 13.50 8.77
C GLU B 95 -3.93 12.76 8.75
N LYS B 96 -4.11 11.86 7.79
CA LYS B 96 -5.34 11.11 7.69
C LYS B 96 -5.46 10.13 8.86
N LEU B 97 -4.35 9.51 9.26
CA LEU B 97 -4.39 8.59 10.38
C LEU B 97 -4.82 9.31 11.67
N THR B 98 -4.38 10.56 11.81
CA THR B 98 -4.76 11.36 12.97
C THR B 98 -6.27 11.64 13.02
N GLN B 99 -6.86 12.04 11.90
CA GLN B 99 -8.29 12.24 11.81
C GLN B 99 -9.04 10.97 12.19
N LEU B 100 -8.53 9.84 11.69
CA LEU B 100 -9.14 8.53 11.95
C LEU B 100 -9.08 8.13 13.42
N MET B 101 -7.97 8.41 14.08
CA MET B 101 -7.85 8.11 15.52
C MET B 101 -8.92 8.86 16.31
N GLU B 102 -9.22 10.07 15.86
CA GLU B 102 -10.19 10.95 16.49
C GLU B 102 -11.59 10.37 16.28
N LYS B 103 -11.82 9.90 15.05
CA LYS B 103 -13.13 9.38 14.63
C LYS B 103 -13.46 8.04 15.30
N HIS B 104 -12.46 7.24 15.59
CA HIS B 104 -12.69 5.93 16.20
C HIS B 104 -12.38 5.91 17.70
N LYS B 105 -12.14 7.08 18.28
CA LYS B 105 -11.85 7.17 19.72
C LYS B 105 -12.90 6.36 20.50
N GLY B 106 -12.44 5.54 21.42
CA GLY B 106 -13.33 4.66 22.17
C GLY B 106 -13.28 3.22 21.70
N ASP B 107 -12.84 2.99 20.46
CA ASP B 107 -12.66 1.65 19.93
C ASP B 107 -11.20 1.26 20.09
N GLU B 108 -10.87 0.67 21.23
CA GLU B 108 -9.47 0.53 21.61
C GLU B 108 -8.66 -0.36 20.66
N LYS B 109 -9.31 -1.30 19.99
CA LYS B 109 -8.61 -2.12 19.00
C LYS B 109 -8.22 -1.32 17.75
N THR B 110 -9.16 -0.66 17.11
CA THR B 110 -8.78 0.08 15.90
C THR B 110 -7.84 1.26 16.24
N VAL B 111 -8.15 2.01 17.29
CA VAL B 111 -7.25 3.06 17.73
C VAL B 111 -5.81 2.57 17.92
N GLN B 112 -5.64 1.45 18.60
CA GLN B 112 -4.31 0.84 18.76
C GLN B 112 -3.65 0.48 17.43
N SER B 113 -4.41 -0.05 16.48
CA SER B 113 -3.78 -0.39 15.20
C SER B 113 -3.43 0.87 14.40
N LEU B 114 -4.31 1.86 14.40
CA LEU B 114 -4.02 3.15 13.76
C LEU B 114 -2.75 3.82 14.31
N GLN B 115 -2.59 3.75 15.63
CA GLN B 115 -1.38 4.30 16.27
C GLN B 115 -0.11 3.58 15.85
N ARG B 116 -0.19 2.26 15.74
CA ARG B 116 0.93 1.47 15.23
C ARG B 116 1.30 1.89 13.80
N GLU B 117 0.29 2.10 12.95
CA GLU B 117 0.53 2.58 11.59
C GLU B 117 1.16 3.96 11.61
N HIS B 118 0.65 4.84 12.47
CA HIS B 118 1.10 6.21 12.48
C HIS B 118 2.54 6.31 12.92
N HIS B 119 2.89 5.52 13.93
CA HIS B 119 4.26 5.44 14.38
C HIS B 119 5.18 4.96 13.25
N ASP B 120 4.72 3.98 12.48
CA ASP B 120 5.53 3.48 11.38
C ASP B 120 5.75 4.54 10.30
N ILE B 121 4.68 5.24 9.93
CA ILE B 121 4.78 6.29 8.92
C ILE B 121 5.70 7.39 9.44
N LYS B 122 5.56 7.77 10.70
CA LYS B 122 6.44 8.79 11.28
C LYS B 122 7.94 8.42 11.20
N ALA B 123 8.26 7.17 11.47
CA ALA B 123 9.66 6.72 11.36
C ALA B 123 10.18 6.76 9.93
N LYS B 124 9.34 6.38 8.98
CA LYS B 124 9.73 6.45 7.58
C LYS B 124 9.95 7.90 7.12
N LEU B 125 9.05 8.77 7.55
CA LEU B 125 9.21 10.20 7.31
C LEU B 125 10.55 10.73 7.81
N ALA B 126 10.88 10.44 9.07
CA ALA B 126 12.18 10.81 9.64
C ALA B 126 13.37 10.23 8.88
N ASN B 127 13.22 9.02 8.37
CA ASN B 127 14.28 8.40 7.56
C ASN B 127 14.45 9.10 6.20
N LEU B 128 13.33 9.47 5.59
CA LEU B 128 13.37 10.29 4.35
C LEU B 128 13.99 11.67 4.60
N GLN B 129 13.70 12.26 5.75
CA GLN B 129 14.26 13.58 6.11
C GLN B 129 15.79 13.53 6.20
N VAL B 130 16.34 12.40 6.65
CA VAL B 130 17.79 12.24 6.71
C VAL B 130 18.39 12.29 5.31
N LEU B 131 17.79 11.55 4.35
CA LEU B 131 18.25 11.64 2.96
C LEU B 131 18.08 13.06 2.39
N HIS B 132 17.02 13.73 2.80
CA HIS B 132 16.80 15.12 2.40
C HIS B 132 17.94 16.00 2.92
N ASP B 133 18.22 15.90 4.21
CA ASP B 133 19.32 16.66 4.81
C ASP B 133 20.64 16.36 4.09
N ALA B 134 20.83 15.10 3.68
CA ALA B 134 22.08 14.69 3.04
C ALA B 134 22.18 15.34 1.66
N HIS B 135 21.04 15.43 0.98
CA HIS B 135 20.99 16.02 -0.34
C HIS B 135 21.16 17.54 -0.27
N THR B 136 20.81 18.14 0.87
CA THR B 136 20.90 19.60 1.01
C THR B 136 22.11 20.05 1.83
N GLY B 137 22.98 19.12 2.20
CA GLY B 137 24.19 19.47 2.91
C GLY B 137 24.06 19.65 4.41
N LYS B 138 22.85 19.58 4.96
CA LYS B 138 22.71 19.62 6.42
C LYS B 138 23.32 18.37 7.05
N LYS B 139 23.53 17.33 6.24
CA LYS B 139 24.24 16.15 6.74
C LYS B 139 25.27 15.73 5.72
N SER B 140 26.32 15.04 6.17
CA SER B 140 27.34 14.52 5.27
C SER B 140 27.57 13.04 5.52
N TYR B 141 27.78 12.29 4.43
CA TYR B 141 28.07 10.86 4.52
C TYR B 141 29.52 10.69 4.93
N VAL B 142 29.78 9.71 5.81
CA VAL B 142 31.14 9.42 6.21
C VAL B 142 31.31 7.93 6.37
N ASN B 143 32.55 7.46 6.37
CA ASN B 143 32.80 6.04 6.62
C ASN B 143 32.88 5.76 8.12
N GLU B 144 33.25 4.54 8.49
CA GLU B 144 33.18 4.11 9.88
C GLU B 144 34.03 5.00 10.79
N LYS B 145 35.13 5.52 10.24
CA LYS B 145 36.06 6.39 10.97
C LYS B 145 35.61 7.85 11.00
N GLY B 146 34.58 8.17 10.24
CA GLY B 146 34.08 9.53 10.20
C GLY B 146 34.77 10.39 9.15
N ASN B 147 35.50 9.75 8.24
CA ASN B 147 36.07 10.48 7.11
C ASN B 147 35.02 10.58 6.03
N PRO B 148 34.97 11.73 5.34
CA PRO B 148 33.92 11.99 4.36
C PRO B 148 33.95 10.99 3.22
N VAL B 149 32.78 10.62 2.73
CA VAL B 149 32.69 9.76 1.55
C VAL B 149 31.69 10.37 0.57
N SER B 150 31.74 9.88 -0.66
CA SER B 150 31.02 10.50 -1.77
C SER B 150 29.53 10.17 -1.77
N SER B 151 29.22 8.89 -1.71
CA SER B 151 27.87 8.42 -1.96
C SER B 151 27.31 7.64 -0.79
N LEU B 152 26.00 7.38 -0.87
CA LEU B 152 25.30 6.67 0.18
C LEU B 152 25.78 5.23 0.33
N LYS B 153 26.03 4.57 -0.80
CA LYS B 153 26.50 3.19 -0.76
C LYS B 153 27.85 3.08 -0.05
N ASP B 154 28.62 4.18 -0.07
CA ASP B 154 29.92 4.20 0.60
C ASP B 154 29.80 4.58 2.08
N ALA B 155 28.65 5.14 2.46
CA ALA B 155 28.49 5.74 3.77
C ALA B 155 28.20 4.74 4.89
N HIS B 156 28.68 5.06 6.07
CA HIS B 156 28.40 4.25 7.25
C HIS B 156 27.52 5.04 8.23
N LEU B 157 27.70 6.36 8.25
CA LEU B 157 26.82 7.25 9.00
C LEU B 157 26.54 8.49 8.17
N ALA B 158 25.43 9.14 8.47
CA ALA B 158 25.21 10.50 7.98
C ALA B 158 25.22 11.37 9.21
N ILE B 159 26.16 12.31 9.28
CA ILE B 159 26.24 13.13 10.48
C ILE B 159 26.06 14.62 10.22
N ASN B 160 25.70 15.33 11.29
CA ASN B 160 25.54 16.77 11.23
C ASN B 160 26.86 17.51 11.13
N LYS B 161 26.77 18.71 10.57
CA LYS B 161 27.85 19.68 10.49
C LYS B 161 28.64 19.77 11.78
N ASP B 162 27.93 19.69 12.91
CA ASP B 162 28.58 19.92 14.19
C ASP B 162 28.85 18.63 14.95
N GLN B 163 29.13 17.55 14.22
CA GLN B 163 29.40 16.26 14.86
C GLN B 163 30.70 15.70 14.36
N GLU B 164 31.31 14.82 15.15
CA GLU B 164 32.48 14.10 14.69
C GLU B 164 32.52 12.70 15.29
N VAL B 165 33.32 11.85 14.66
CA VAL B 165 33.57 10.50 15.14
C VAL B 165 34.97 10.44 15.76
N VAL B 166 35.05 9.77 16.90
CA VAL B 166 36.33 9.38 17.46
C VAL B 166 36.34 7.86 17.54
N GLU B 167 37.43 7.25 17.09
CA GLU B 167 37.51 5.79 17.10
C GLU B 167 38.88 5.31 17.59
N HIS B 168 38.88 4.25 18.38
CA HIS B 168 40.13 3.61 18.74
C HIS B 168 39.93 2.11 18.93
N LYS B 169 40.77 1.34 18.23
CA LYS B 169 40.82 -0.11 18.37
C LYS B 169 39.43 -0.77 18.51
N GLY B 170 38.45 -0.29 17.76
CA GLY B 170 37.13 -0.91 17.77
C GLY B 170 36.13 -0.30 18.75
N GLN B 171 36.50 0.85 19.33
CA GLN B 171 35.57 1.65 20.11
C GLN B 171 35.24 2.90 19.30
N PHE B 172 33.95 3.15 19.04
CA PHE B 172 33.53 4.29 18.22
C PHE B 172 32.61 5.23 18.98
N TYR B 173 32.88 6.52 18.83
CA TYR B 173 32.13 7.55 19.53
C TYR B 173 31.63 8.53 18.51
N LEU B 174 30.35 8.89 18.65
CA LEU B 174 29.80 9.99 17.89
C LEU B 174 29.49 11.08 18.89
N LEU B 175 29.98 12.29 18.65
CA LEU B 175 29.80 13.37 19.59
C LEU B 175 29.81 14.73 18.89
N GLN B 176 29.49 15.79 19.64
CA GLN B 176 29.52 17.12 19.06
C GLN B 176 30.96 17.56 18.84
N LYS B 177 31.21 18.25 17.73
CA LYS B 177 32.54 18.69 17.37
C LYS B 177 33.11 19.57 18.47
N GLY B 178 34.36 19.28 18.84
CA GLY B 178 35.08 20.04 19.85
C GLY B 178 34.84 19.57 21.28
N GLN B 179 33.94 18.60 21.47
CA GLN B 179 33.53 18.26 22.82
C GLN B 179 34.26 17.07 23.42
N TRP B 180 35.29 16.56 22.74
CA TRP B 180 36.00 15.41 23.28
C TRP B 180 36.60 15.69 24.65
N ASP B 181 37.06 16.92 24.85
CA ASP B 181 37.60 17.35 26.13
C ASP B 181 36.54 17.23 27.22
N ALA B 182 35.31 17.62 26.88
CA ALA B 182 34.20 17.59 27.83
C ALA B 182 33.68 16.21 28.25
N ILE B 183 33.89 15.17 27.43
CA ILE B 183 33.25 13.88 27.70
C ILE B 183 34.26 12.80 28.08
N LYS B 184 35.53 13.15 27.92
CA LYS B 184 36.66 12.24 28.05
C LYS B 184 36.72 11.52 29.40
N ASN B 185 36.41 12.26 30.45
CA ASN B 185 36.46 11.72 31.80
C ASN B 185 35.07 11.44 32.36
N ASP B 186 34.05 11.60 31.51
CA ASP B 186 32.65 11.47 31.96
C ASP B 186 32.05 10.15 31.45
N PRO B 187 31.87 9.18 32.36
CA PRO B 187 31.36 7.89 31.89
C PRO B 187 30.00 8.00 31.21
N ALA B 188 29.10 8.84 31.71
CA ALA B 188 27.77 8.96 31.11
C ALA B 188 27.83 9.52 29.68
N ALA B 189 28.69 10.50 29.46
CA ALA B 189 28.87 11.06 28.14
C ALA B 189 29.57 10.09 27.19
N LEU B 190 30.51 9.33 27.72
CA LEU B 190 31.18 8.27 26.95
C LEU B 190 30.18 7.24 26.49
N GLU B 191 29.38 6.72 27.40
CA GLU B 191 28.41 5.69 27.06
C GLU B 191 27.41 6.25 26.05
N LYS B 192 27.00 7.50 26.22
CA LYS B 192 26.07 8.14 25.28
C LYS B 192 26.66 8.27 23.86
N ALA B 193 27.92 8.68 23.77
CA ALA B 193 28.59 8.80 22.49
C ALA B 193 28.74 7.45 21.77
N GLN B 194 29.00 6.39 22.51
CA GLN B 194 29.06 5.06 21.88
C GLN B 194 27.69 4.60 21.37
N LYS B 195 26.66 4.81 22.18
CA LYS B 195 25.29 4.50 21.81
C LYS B 195 24.86 5.27 20.57
N ASP B 196 25.16 6.57 20.52
CA ASP B 196 24.75 7.39 19.39
C ASP B 196 25.45 6.94 18.11
N TYR B 197 26.74 6.63 18.20
CA TYR B 197 27.44 6.04 17.06
C TYR B 197 26.75 4.77 16.53
N SER B 198 26.48 3.82 17.42
CA SER B 198 25.90 2.55 16.98
C SER B 198 24.50 2.75 16.40
N GLN B 199 23.67 3.51 17.10
CA GLN B 199 22.33 3.81 16.61
C GLN B 199 22.37 4.50 15.25
N SER B 200 23.30 5.45 15.07
CA SER B 200 23.39 6.13 13.79
C SER B 200 23.75 5.20 12.64
N LYS B 201 24.68 4.29 12.90
CA LYS B 201 25.10 3.27 11.93
C LYS B 201 23.95 2.34 11.53
N HIS B 202 23.22 1.85 12.51
CA HIS B 202 22.08 0.97 12.28
C HIS B 202 20.96 1.70 11.52
N ASP B 203 20.70 2.95 11.88
CA ASP B 203 19.66 3.72 11.19
C ASP B 203 20.00 3.99 9.72
N LEU B 204 21.25 4.29 9.43
CA LEU B 204 21.66 4.48 8.05
C LEU B 204 21.43 3.20 7.23
N ALA B 205 21.66 2.05 7.88
CA ALA B 205 21.37 0.76 7.27
C ALA B 205 19.87 0.66 7.00
N THR B 206 19.07 1.09 7.96
CA THR B 206 17.63 1.07 7.76
C THR B 206 17.19 2.00 6.63
N ILE B 207 17.76 3.21 6.61
CA ILE B 207 17.46 4.16 5.55
C ILE B 207 17.84 3.69 4.14
N LYS B 208 18.99 3.03 4.01
CA LYS B 208 19.39 2.45 2.74
C LYS B 208 18.38 1.43 2.25
N MET B 209 17.91 0.59 3.16
CA MET B 209 16.98 -0.47 2.82
C MET B 209 15.64 0.11 2.42
N GLU B 210 15.16 1.08 3.20
CA GLU B 210 13.91 1.74 2.88
C GLU B 210 14.03 2.50 1.57
N ALA B 211 15.20 3.08 1.32
CA ALA B 211 15.43 3.82 0.10
C ALA B 211 15.18 2.95 -1.13
N LEU B 212 15.71 1.74 -1.08
CA LEU B 212 15.55 0.79 -2.17
C LEU B 212 14.07 0.42 -2.36
N ILE B 213 13.39 0.21 -1.25
CA ILE B 213 11.98 -0.11 -1.26
C ILE B 213 11.16 1.03 -1.87
N HIS B 214 11.44 2.27 -1.45
CA HIS B 214 10.78 3.45 -2.00
C HIS B 214 11.02 3.61 -3.50
N LYS B 215 12.26 3.34 -3.93
CA LYS B 215 12.66 3.52 -5.31
C LYS B 215 11.88 2.53 -6.16
N LEU B 216 11.93 1.27 -5.76
CA LEU B 216 11.21 0.19 -6.41
C LEU B 216 9.69 0.48 -6.47
N SER B 217 9.12 0.92 -5.34
CA SER B 217 7.70 1.23 -5.27
C SER B 217 7.26 2.36 -6.23
N LEU B 218 8.07 3.41 -6.30
CA LEU B 218 7.84 4.50 -7.24
C LEU B 218 7.87 4.01 -8.69
N GLU B 219 8.76 3.06 -9.00
CA GLU B 219 8.81 2.46 -10.32
C GLU B 219 7.49 1.73 -10.62
N MET B 220 7.00 0.94 -9.66
CA MET B 220 5.75 0.22 -9.90
C MET B 220 4.55 1.16 -10.05
N GLU B 221 4.56 2.26 -9.30
CA GLU B 221 3.49 3.25 -9.37
C GLU B 221 3.39 3.86 -10.75
N LYS B 222 4.53 4.27 -11.32
CA LYS B 222 4.51 4.90 -12.64
C LYS B 222 4.15 3.88 -13.73
N GLN B 223 4.25 2.58 -13.40
CA GLN B 223 3.81 1.55 -14.33
C GLN B 223 2.29 1.53 -14.44
N LEU B 224 1.61 1.80 -13.33
CA LEU B 224 0.15 1.74 -13.30
C LEU B 224 -0.48 2.76 -14.25
N GLU B 225 -0.04 4.00 -14.11
CA GLU B 225 -0.40 5.07 -15.03
C GLU B 225 -0.25 4.65 -16.50
N THR B 226 0.83 3.93 -16.79
CA THR B 226 1.16 3.48 -18.14
C THR B 226 0.41 2.22 -18.58
N ILE B 227 0.19 1.30 -17.65
CA ILE B 227 -0.55 0.08 -17.94
C ILE B 227 -1.96 0.50 -18.33
N ASN B 228 -2.37 1.63 -17.76
CA ASN B 228 -3.72 2.13 -17.91
C ASN B 228 -4.07 2.56 -19.34
N ASP B 229 -3.35 3.55 -19.85
CA ASP B 229 -3.67 4.06 -21.17
C ASP B 229 -3.43 3.00 -22.24
N LEU B 230 -2.35 2.23 -22.09
CA LEU B 230 -2.05 1.14 -23.00
C LEU B 230 -3.23 0.21 -23.15
N ILE B 231 -3.83 -0.13 -22.01
CA ILE B 231 -4.92 -1.09 -21.96
C ILE B 231 -6.18 -0.41 -22.45
N MET B 232 -6.23 0.92 -22.29
CA MET B 232 -7.34 1.67 -22.78
C MET B 232 -7.45 1.42 -24.29
N SER B 233 -6.34 1.62 -24.99
CA SER B 233 -6.24 1.35 -26.43
C SER B 233 -6.84 0.00 -26.82
N THR B 234 -7.34 -0.09 -28.06
CA THR B 234 -7.99 -1.31 -28.54
C THR B 234 -7.07 -2.19 -29.40
N ASP B 235 -5.98 -1.63 -29.92
CA ASP B 235 -5.03 -2.37 -30.74
C ASP B 235 -4.31 -3.46 -29.96
N PRO B 236 -4.58 -4.74 -30.31
CA PRO B 236 -4.02 -5.92 -29.64
C PRO B 236 -2.51 -5.84 -29.42
N LYS B 237 -1.88 -4.79 -29.95
CA LYS B 237 -0.45 -4.56 -29.75
C LYS B 237 -0.15 -3.84 -28.43
N GLU B 238 -0.78 -2.69 -28.23
CA GLU B 238 -0.59 -1.91 -27.01
C GLU B 238 -1.22 -2.59 -25.79
N ASN B 239 -2.27 -3.39 -26.03
CA ASN B 239 -2.93 -4.12 -24.98
C ASN B 239 -2.13 -5.35 -24.58
N GLU B 240 -1.52 -6.01 -25.58
CA GLU B 240 -0.64 -7.14 -25.30
C GLU B 240 0.64 -6.65 -24.62
N GLU B 241 0.98 -5.38 -24.87
CA GLU B 241 2.08 -4.71 -24.17
C GLU B 241 1.69 -4.53 -22.70
N ALA B 242 0.63 -3.76 -22.45
CA ALA B 242 0.04 -3.61 -21.12
C ALA B 242 0.08 -4.93 -20.36
N THR B 243 -0.25 -6.02 -21.04
CA THR B 243 -0.32 -7.32 -20.42
C THR B 243 1.04 -7.82 -19.97
N LYS B 244 2.08 -7.50 -20.73
CA LYS B 244 3.43 -7.88 -20.34
C LYS B 244 3.96 -6.89 -19.29
N LEU B 245 3.49 -5.65 -19.37
CA LEU B 245 3.81 -4.64 -18.36
C LEU B 245 3.23 -5.01 -17.01
N LEU B 246 2.03 -5.59 -17.02
CA LEU B 246 1.40 -6.02 -15.78
C LEU B 246 2.16 -7.18 -15.16
N HIS B 247 2.56 -8.15 -15.97
CA HIS B 247 3.43 -9.25 -15.54
C HIS B 247 4.71 -8.75 -14.88
N LYS B 248 5.34 -7.76 -15.50
CA LYS B 248 6.59 -7.23 -14.99
C LYS B 248 6.35 -6.54 -13.65
N HIS B 249 5.29 -5.75 -13.61
CA HIS B 249 4.84 -5.09 -12.39
C HIS B 249 4.67 -6.11 -11.27
N ASN B 250 3.97 -7.20 -11.57
CA ASN B 250 3.76 -8.20 -10.54
C ASN B 250 5.07 -8.90 -10.13
N GLY B 251 6.01 -9.03 -11.05
CA GLY B 251 7.30 -9.65 -10.73
C GLY B 251 8.06 -8.77 -9.75
N LEU B 252 8.00 -7.45 -9.97
CA LEU B 252 8.56 -6.49 -9.04
C LEU B 252 7.91 -6.59 -7.66
N ASN B 253 6.62 -6.87 -7.62
CA ASN B 253 5.94 -6.97 -6.33
C ASN B 253 6.52 -8.12 -5.52
N LEU B 254 6.92 -9.20 -6.20
CA LEU B 254 7.58 -10.32 -5.51
C LEU B 254 8.90 -9.88 -4.85
N LYS B 255 9.68 -9.11 -5.59
CA LYS B 255 10.97 -8.64 -5.10
C LYS B 255 10.75 -7.63 -3.97
N LEU B 256 9.80 -6.72 -4.15
CA LEU B 256 9.49 -5.74 -3.12
C LEU B 256 9.09 -6.40 -1.79
N ALA B 257 8.19 -7.36 -1.83
CA ALA B 257 7.84 -8.15 -0.64
C ALA B 257 9.05 -8.79 0.06
N ASN B 258 9.95 -9.42 -0.71
CA ASN B 258 11.17 -9.99 -0.13
C ASN B 258 12.10 -8.93 0.49
N LEU B 259 12.18 -7.77 -0.13
CA LEU B 259 12.92 -6.65 0.47
C LEU B 259 12.31 -6.26 1.82
N GLN B 260 10.98 -6.22 1.87
CA GLN B 260 10.27 -5.87 3.08
C GLN B 260 10.56 -6.89 4.19
N ASP B 261 10.79 -8.14 3.79
CA ASP B 261 11.09 -9.22 4.73
C ASP B 261 12.47 -9.05 5.39
N MET B 262 13.49 -8.77 4.59
CA MET B 262 14.81 -8.49 5.10
C MET B 262 14.79 -7.28 6.05
N LEU B 263 14.06 -6.25 5.66
CA LEU B 263 13.98 -5.04 6.43
C LEU B 263 13.52 -5.38 7.83
N ALA B 264 12.45 -6.18 7.91
CA ALA B 264 11.87 -6.60 9.18
C ALA B 264 12.85 -7.36 10.09
N VAL B 265 13.81 -8.04 9.47
CA VAL B 265 14.83 -8.79 10.19
C VAL B 265 15.84 -7.83 10.83
N HIS B 266 16.21 -6.79 10.08
CA HIS B 266 17.16 -5.79 10.52
C HIS B 266 16.56 -4.82 11.55
MG MG C . -6.87 -13.15 -6.48
PG GTP D . -6.15 -13.77 -3.38
O1G GTP D . -5.66 -13.48 -4.80
O2G GTP D . -6.33 -12.40 -2.72
O3G GTP D . -5.13 -14.62 -2.67
O3B GTP D . -7.56 -14.57 -3.39
PB GTP D . -8.85 -14.28 -4.17
O1B GTP D . -9.78 -13.45 -3.32
O2B GTP D . -8.62 -13.65 -5.49
O3A GTP D . -9.59 -15.72 -4.36
PA GTP D . -9.83 -16.35 -5.78
O1A GTP D . -10.77 -15.39 -6.56
O2A GTP D . -8.51 -16.68 -6.47
O5' GTP D . -10.64 -17.65 -5.45
C5' GTP D . -10.29 -18.43 -4.42
C4' GTP D . -10.81 -19.79 -4.47
O4' GTP D . -12.15 -19.78 -3.93
C3' GTP D . -10.96 -20.23 -5.88
O3' GTP D . -9.90 -21.03 -6.29
C2' GTP D . -12.18 -21.03 -5.89
O2' GTP D . -11.89 -22.34 -5.63
C1' GTP D . -12.99 -20.53 -4.75
N9 GTP D . -14.15 -19.80 -5.17
C8 GTP D . -14.22 -18.59 -5.66
N7 GTP D . -15.37 -18.24 -5.93
C5 GTP D . -16.26 -19.18 -5.68
C6 GTP D . -17.61 -19.41 -5.75
O6 GTP D . -18.49 -18.42 -6.24
N1 GTP D . -18.13 -20.59 -5.36
C2 GTP D . -17.36 -21.60 -4.87
N2 GTP D . -17.92 -22.79 -4.49
N3 GTP D . -16.04 -21.43 -4.79
C4 GTP D . -15.47 -20.29 -5.16
#